data_5JSV
#
_entry.id   5JSV
#
_cell.length_a   90.505
_cell.length_b   65.200
_cell.length_c   70.598
_cell.angle_alpha   90.00
_cell.angle_beta   96.44
_cell.angle_gamma   90.00
#
_symmetry.space_group_name_H-M   'C 1 2 1'
#
loop_
_entity.id
_entity.type
_entity.pdbx_description
1 polymer 'Queuine tRNA-ribosyltransferase'
2 non-polymer 'ZINC ION'
3 non-polymer GLYCEROL
4 non-polymer 'CHLORIDE ION'
5 non-polymer 'methyl 5-[(6-amino-8-oxo-7,8-dihydro-3H-imidazo[4,5-g]quinazolin-2-yl)amino]-5-deoxy-2,3-O-(1-methylethylidene)-beta-D-ribofuranoside'
6 water water
#
_entity_poly.entity_id   1
_entity_poly.type   'polypeptide(L)'
_entity_poly.pdbx_seq_one_letter_code
;MVEATAQETDRPRFSFSIAAREGKARTGTIEMKRGVIRTPAFMPVGTAATVKALKPETVRATGADIILGNTYHLMLRPGA
ERIAKLGGLHSFMGWDRPILTDSGGYQVMSLSSLTKQSEEGVTFKSHLDGSRHMLSPERSIEIQHLLGSDIVMAFDECTP
YPATPSRAASSMERSMRWAKRSRDAFDSRKEQAENAALFGIQQGSVFENLRQQSADALAEIGFDGYAVGGLAVGEGQDEM
FRVLDFSVPMLPDDKPHYLMGVGKPDDIVGAVERGIDMFDCVLPTRSGRNGQAFTWDGPINIRNARFSEDLKPLDSECHC
AVCQKWSRAYIHHLIRAGEILGAMLMTEHNIAFYQQLMQKIRDSISEGRFSQFAQDFRARYFARNS
;
_entity_poly.pdbx_strand_id   A
#
loop_
_chem_comp.id
_chem_comp.type
_chem_comp.name
_chem_comp.formula
6MQ non-polymer 'methyl 5-[(6-amino-8-oxo-7,8-dihydro-3H-imidazo[4,5-g]quinazolin-2-yl)amino]-5-deoxy-2,3-O-(1-methylethylidene)-beta-D-ribofuranoside' 'C18 H22 N6 O5'
CL non-polymer 'CHLORIDE ION' 'Cl -1'
GOL non-polymer GLYCEROL 'C3 H8 O3'
ZN non-polymer 'ZINC ION' 'Zn 2'
#
# COMPACT_ATOMS: atom_id res chain seq x y z
N ASP A 10 -12.31 21.99 11.52
CA ASP A 10 -12.27 20.56 11.24
C ASP A 10 -11.66 20.26 9.88
N ARG A 11 -11.17 19.06 9.71
CA ARG A 11 -10.48 18.70 8.49
C ARG A 11 -11.46 18.47 7.33
N PRO A 12 -11.01 18.72 6.11
CA PRO A 12 -11.84 18.44 4.93
C PRO A 12 -11.97 16.95 4.66
N ARG A 13 -12.91 16.62 3.77
CA ARG A 13 -12.98 15.26 3.24
C ARG A 13 -11.64 14.82 2.67
N PHE A 14 -11.01 15.69 1.88
CA PHE A 14 -9.76 15.34 1.24
C PHE A 14 -9.05 16.60 0.76
N SER A 15 -7.80 16.76 1.19
N SER A 15 -7.77 16.73 1.11
CA SER A 15 -6.96 17.82 0.65
CA SER A 15 -6.98 17.86 0.60
C SER A 15 -5.52 17.30 0.63
C SER A 15 -5.50 17.47 0.63
N PHE A 16 -4.91 17.30 -0.55
CA PHE A 16 -3.50 16.96 -0.70
C PHE A 16 -2.72 18.23 -0.97
N SER A 17 -1.68 18.48 -0.18
N SER A 17 -1.71 18.49 -0.15
N SER A 17 -1.70 18.50 -0.17
CA SER A 17 -0.86 19.67 -0.33
CA SER A 17 -0.85 19.64 -0.30
CA SER A 17 -0.86 19.68 -0.33
C SER A 17 0.61 19.29 -0.34
C SER A 17 0.59 19.16 -0.43
C SER A 17 0.60 19.25 -0.37
N ILE A 18 1.32 19.77 -1.36
CA ILE A 18 2.73 19.49 -1.54
C ILE A 18 3.52 20.63 -0.92
N ALA A 19 4.33 20.30 0.08
CA ALA A 19 5.10 21.29 0.83
C ALA A 19 6.49 21.51 0.28
N ALA A 20 7.07 20.49 -0.37
CA ALA A 20 8.44 20.61 -0.86
C ALA A 20 8.67 19.56 -1.95
N ARG A 21 9.61 19.85 -2.84
N ARG A 21 9.59 19.87 -2.85
CA ARG A 21 9.88 18.99 -3.98
CA ARG A 21 9.89 19.01 -3.98
C ARG A 21 11.38 18.97 -4.25
C ARG A 21 11.39 18.94 -4.17
N GLU A 22 11.84 17.85 -4.80
CA GLU A 22 13.23 17.71 -5.24
C GLU A 22 13.19 16.76 -6.43
N GLY A 23 13.48 17.28 -7.62
CA GLY A 23 13.30 16.45 -8.81
C GLY A 23 11.85 16.05 -8.94
N LYS A 24 11.61 14.75 -9.17
CA LYS A 24 10.25 14.22 -9.21
C LYS A 24 9.69 13.93 -7.83
N ALA A 25 10.51 13.96 -6.78
CA ALA A 25 10.05 13.59 -5.45
C ALA A 25 9.29 14.75 -4.82
N ARG A 26 8.28 14.40 -4.01
CA ARG A 26 7.45 15.37 -3.33
C ARG A 26 7.27 14.94 -1.88
N THR A 27 7.07 15.92 -1.02
CA THR A 27 6.64 15.64 0.35
C THR A 27 5.53 16.60 0.73
N GLY A 28 4.57 16.11 1.51
CA GLY A 28 3.44 16.92 1.86
C GLY A 28 2.48 16.18 2.77
N THR A 29 1.19 16.52 2.68
CA THR A 29 0.20 15.95 3.57
C THR A 29 -1.11 15.73 2.81
N ILE A 30 -1.81 14.67 3.19
CA ILE A 30 -3.21 14.48 2.85
C ILE A 30 -4.01 14.69 4.12
N GLU A 31 -4.92 15.66 4.11
N GLU A 31 -4.92 15.66 4.11
CA GLU A 31 -5.83 15.87 5.23
CA GLU A 31 -5.83 15.88 5.21
C GLU A 31 -7.16 15.21 4.92
C GLU A 31 -7.15 15.18 4.90
N MET A 32 -7.64 14.40 5.86
CA MET A 32 -8.92 13.73 5.75
C MET A 32 -9.64 13.88 7.08
N LYS A 33 -10.92 13.52 7.11
CA LYS A 33 -11.69 13.70 8.33
C LYS A 33 -11.08 12.96 9.52
N ARG A 34 -10.56 11.76 9.29
N ARG A 34 -10.56 11.76 9.29
CA ARG A 34 -10.05 10.95 10.39
CA ARG A 34 -10.05 10.95 10.39
C ARG A 34 -8.56 11.19 10.70
C ARG A 34 -8.58 11.23 10.73
N GLY A 35 -7.88 12.06 9.97
CA GLY A 35 -6.51 12.37 10.30
C GLY A 35 -5.71 12.87 9.12
N VAL A 36 -4.47 13.23 9.43
CA VAL A 36 -3.50 13.71 8.45
C VAL A 36 -2.55 12.58 8.11
N ILE A 37 -2.24 12.45 6.82
CA ILE A 37 -1.32 11.46 6.30
C ILE A 37 -0.11 12.20 5.76
N ARG A 38 1.06 11.95 6.34
CA ARG A 38 2.30 12.54 5.87
C ARG A 38 2.82 11.76 4.68
N THR A 39 3.21 12.46 3.61
CA THR A 39 3.68 11.79 2.40
C THR A 39 5.11 12.20 2.08
N PRO A 40 5.94 11.29 1.52
CA PRO A 40 5.57 9.91 1.18
C PRO A 40 5.22 9.06 2.40
N ALA A 41 4.21 8.21 2.23
CA ALA A 41 3.60 7.44 3.30
C ALA A 41 3.78 5.95 3.05
N PHE A 42 4.02 5.21 4.13
CA PHE A 42 3.95 3.76 4.11
C PHE A 42 2.76 3.29 4.92
N MET A 43 1.92 2.45 4.31
CA MET A 43 0.72 1.89 4.92
C MET A 43 0.97 0.45 5.33
N PRO A 44 1.04 0.14 6.63
CA PRO A 44 1.05 -1.28 7.05
C PRO A 44 -0.21 -1.97 6.56
N VAL A 45 -0.06 -3.25 6.22
CA VAL A 45 -1.15 -4.04 5.67
C VAL A 45 -1.90 -4.72 6.80
N GLY A 46 -3.23 -4.58 6.79
CA GLY A 46 -4.10 -5.17 7.79
C GLY A 46 -5.26 -5.93 7.16
N THR A 47 -4.92 -6.92 6.34
CA THR A 47 -5.89 -7.58 5.45
C THR A 47 -7.08 -8.19 6.20
N ALA A 48 -6.84 -8.84 7.34
CA ALA A 48 -7.91 -9.52 8.08
C ALA A 48 -8.44 -8.66 9.23
N ALA A 49 -8.49 -7.34 9.04
CA ALA A 49 -8.89 -6.41 10.10
C ALA A 49 -7.92 -6.43 11.28
N THR A 50 -6.65 -6.71 10.99
CA THR A 50 -5.58 -6.61 11.98
C THR A 50 -4.28 -6.49 11.21
N VAL A 51 -3.39 -5.60 11.67
CA VAL A 51 -1.99 -5.63 11.23
C VAL A 51 -1.36 -6.76 12.05
N LYS A 52 -0.95 -7.83 11.37
CA LYS A 52 -0.69 -9.09 12.07
C LYS A 52 0.32 -8.92 13.19
N ALA A 53 -0.06 -9.38 14.38
CA ALA A 53 0.77 -9.41 15.59
C ALA A 53 0.94 -8.06 16.28
N LEU A 54 0.18 -7.02 15.89
CA LEU A 54 0.29 -5.70 16.52
C LEU A 54 -1.06 -5.18 16.95
N LYS A 55 -1.15 -4.66 18.17
CA LYS A 55 -2.29 -3.83 18.52
C LYS A 55 -2.26 -2.55 17.68
N PRO A 56 -3.42 -1.97 17.39
CA PRO A 56 -3.45 -0.69 16.66
C PRO A 56 -2.64 0.40 17.33
N GLU A 57 -2.61 0.45 18.67
CA GLU A 57 -1.82 1.47 19.32
C GLU A 57 -0.34 1.30 19.02
N THR A 58 0.11 0.06 18.86
CA THR A 58 1.50 -0.18 18.50
C THR A 58 1.77 0.23 17.06
N VAL A 59 0.83 -0.07 16.16
CA VAL A 59 0.94 0.42 14.78
C VAL A 59 1.11 1.93 14.78
N ARG A 60 0.27 2.63 15.56
CA ARG A 60 0.37 4.09 15.59
C ARG A 60 1.70 4.53 16.21
N ALA A 61 2.14 3.85 17.27
CA ALA A 61 3.38 4.23 17.94
C ALA A 61 4.59 4.15 17.02
N THR A 62 4.54 3.26 16.02
CA THR A 62 5.65 3.18 15.06
C THR A 62 5.67 4.36 14.10
N GLY A 63 4.59 5.13 14.02
CA GLY A 63 4.54 6.29 13.14
C GLY A 63 3.54 6.18 12.01
N ALA A 64 2.82 5.07 11.88
CA ALA A 64 1.86 4.95 10.78
C ALA A 64 0.71 5.93 10.94
N ASP A 65 0.34 6.58 9.83
CA ASP A 65 -0.79 7.50 9.76
C ASP A 65 -2.04 6.87 9.17
N ILE A 66 -1.89 5.73 8.48
CA ILE A 66 -2.97 5.10 7.72
C ILE A 66 -2.55 3.64 7.55
N ILE A 67 -3.54 2.75 7.51
CA ILE A 67 -3.32 1.34 7.26
C ILE A 67 -4.18 0.90 6.08
N LEU A 68 -3.86 -0.27 5.53
CA LEU A 68 -4.56 -0.83 4.38
C LEU A 68 -5.41 -2.02 4.81
N GLY A 69 -6.67 -2.05 4.37
CA GLY A 69 -7.52 -3.22 4.45
C GLY A 69 -7.87 -3.70 3.05
N ASN A 70 -8.58 -4.84 3.01
N ASN A 70 -8.58 -4.83 2.99
CA ASN A 70 -8.84 -5.54 1.75
CA ASN A 70 -8.84 -5.47 1.71
C ASN A 70 -10.33 -5.88 1.63
C ASN A 70 -10.29 -5.90 1.59
N THR A 71 -10.96 -5.36 0.58
CA THR A 71 -12.36 -5.71 0.29
C THR A 71 -12.56 -7.21 0.17
N TYR A 72 -11.68 -7.89 -0.58
CA TYR A 72 -11.88 -9.31 -0.84
C TYR A 72 -11.85 -10.12 0.45
N HIS A 73 -10.82 -9.93 1.27
CA HIS A 73 -10.69 -10.77 2.45
C HIS A 73 -11.80 -10.51 3.45
N LEU A 74 -12.16 -9.23 3.64
CA LEU A 74 -13.17 -8.90 4.64
C LEU A 74 -14.57 -9.29 4.17
N MET A 75 -14.80 -9.28 2.85
N MET A 75 -14.81 -9.33 2.86
CA MET A 75 -16.05 -9.80 2.31
CA MET A 75 -16.12 -9.78 2.43
C MET A 75 -16.26 -11.25 2.73
C MET A 75 -16.29 -11.28 2.66
N LEU A 76 -15.19 -12.03 2.73
CA LEU A 76 -15.28 -13.46 3.06
C LEU A 76 -15.35 -13.68 4.56
N ARG A 77 -14.57 -12.92 5.33
CA ARG A 77 -14.47 -13.13 6.76
C ARG A 77 -14.01 -11.81 7.36
N PRO A 78 -14.84 -11.22 8.24
CA PRO A 78 -16.08 -11.71 8.83
C PRO A 78 -17.35 -11.39 8.03
N GLY A 79 -17.23 -10.69 6.92
CA GLY A 79 -18.36 -10.27 6.11
C GLY A 79 -18.54 -8.77 6.18
N ALA A 80 -18.87 -8.16 5.03
CA ALA A 80 -18.98 -6.70 4.96
C ALA A 80 -20.21 -6.20 5.68
N GLU A 81 -21.36 -6.82 5.43
CA GLU A 81 -22.58 -6.43 6.12
C GLU A 81 -22.44 -6.60 7.62
N ARG A 82 -21.76 -7.67 8.05
CA ARG A 82 -21.52 -7.89 9.48
C ARG A 82 -20.70 -6.74 10.07
N ILE A 83 -19.60 -6.37 9.42
CA ILE A 83 -18.80 -5.26 9.94
C ILE A 83 -19.64 -3.99 10.02
N ALA A 84 -20.47 -3.72 9.02
CA ALA A 84 -21.32 -2.53 9.08
C ALA A 84 -22.26 -2.59 10.27
N LYS A 85 -22.88 -3.75 10.49
CA LYS A 85 -23.79 -3.89 11.63
C LYS A 85 -23.07 -3.65 12.95
N LEU A 86 -21.79 -3.99 13.02
CA LEU A 86 -21.01 -3.82 14.24
C LEU A 86 -20.43 -2.43 14.38
N GLY A 87 -20.67 -1.53 13.42
CA GLY A 87 -20.25 -0.15 13.55
C GLY A 87 -19.14 0.27 12.61
N GLY A 88 -18.73 -0.60 11.70
CA GLY A 88 -17.69 -0.27 10.74
C GLY A 88 -16.33 -0.79 11.15
N LEU A 89 -15.42 -0.81 10.17
CA LEU A 89 -14.10 -1.41 10.37
C LEU A 89 -13.29 -0.68 11.43
N HIS A 90 -13.38 0.65 11.48
CA HIS A 90 -12.57 1.41 12.43
C HIS A 90 -12.87 1.01 13.87
N SER A 91 -14.17 1.02 14.22
N SER A 91 -14.15 0.98 14.24
CA SER A 91 -14.62 0.61 15.54
CA SER A 91 -14.47 0.60 15.61
C SER A 91 -14.29 -0.86 15.80
C SER A 91 -14.34 -0.90 15.84
N PHE A 92 -14.55 -1.71 14.80
CA PHE A 92 -14.36 -3.15 14.94
C PHE A 92 -12.93 -3.49 15.36
N MET A 93 -11.95 -2.94 14.66
CA MET A 93 -10.56 -3.27 14.94
C MET A 93 -9.86 -2.30 15.89
N GLY A 94 -10.48 -1.17 16.20
CA GLY A 94 -9.87 -0.22 17.11
C GLY A 94 -8.80 0.65 16.50
N TRP A 95 -8.93 1.01 15.22
CA TRP A 95 -8.05 1.97 14.55
C TRP A 95 -8.94 3.12 14.11
N ASP A 96 -8.72 4.32 14.67
CA ASP A 96 -9.62 5.44 14.41
C ASP A 96 -9.10 6.42 13.37
N ARG A 97 -7.96 6.13 12.76
CA ARG A 97 -7.34 6.98 11.76
C ARG A 97 -7.73 6.50 10.36
N PRO A 98 -7.24 7.14 9.29
CA PRO A 98 -7.64 6.71 7.95
C PRO A 98 -7.28 5.27 7.65
N ILE A 99 -8.15 4.63 6.87
CA ILE A 99 -7.94 3.30 6.31
C ILE A 99 -8.18 3.41 4.82
N LEU A 100 -7.24 2.88 4.04
CA LEU A 100 -7.42 2.69 2.61
C LEU A 100 -7.78 1.24 2.39
N THR A 101 -8.80 0.97 1.56
CA THR A 101 -9.16 -0.41 1.24
C THR A 101 -8.88 -0.70 -0.23
N ASP A 102 -8.10 -1.74 -0.47
CA ASP A 102 -8.02 -2.24 -1.83
C ASP A 102 -9.37 -2.82 -2.23
N SER A 103 -9.62 -2.85 -3.54
CA SER A 103 -10.94 -3.11 -4.11
C SER A 103 -11.21 -4.58 -4.39
N GLY A 104 -10.20 -5.45 -4.33
CA GLY A 104 -10.29 -6.82 -4.78
C GLY A 104 -9.66 -7.09 -6.13
N GLY A 105 -9.23 -6.05 -6.87
CA GLY A 105 -8.68 -6.22 -8.19
C GLY A 105 -7.38 -7.00 -8.25
N TYR A 106 -6.61 -7.04 -7.16
CA TYR A 106 -5.44 -7.91 -7.15
C TYR A 106 -5.85 -9.37 -7.08
N GLN A 107 -6.85 -9.69 -6.25
CA GLN A 107 -7.33 -11.06 -6.16
C GLN A 107 -8.02 -11.52 -7.44
N VAL A 108 -8.57 -10.60 -8.25
CA VAL A 108 -9.06 -10.96 -9.57
C VAL A 108 -7.98 -11.68 -10.36
N MET A 109 -6.71 -11.30 -10.15
N MET A 109 -6.72 -11.32 -10.15
CA MET A 109 -5.56 -11.91 -10.82
CA MET A 109 -5.60 -11.94 -10.83
C MET A 109 -5.00 -13.08 -10.04
C MET A 109 -5.01 -13.10 -10.03
N SER A 110 -4.67 -12.86 -8.76
CA SER A 110 -3.93 -13.86 -7.99
C SER A 110 -4.77 -15.10 -7.70
N LEU A 111 -6.08 -14.97 -7.65
CA LEU A 111 -6.98 -16.10 -7.40
C LEU A 111 -7.84 -16.41 -8.62
N SER A 112 -7.29 -16.13 -9.82
CA SER A 112 -8.07 -16.23 -11.05
C SER A 112 -8.59 -17.65 -11.30
N SER A 113 -7.88 -18.67 -10.80
CA SER A 113 -8.34 -20.04 -10.98
C SER A 113 -9.64 -20.32 -10.26
N LEU A 114 -9.98 -19.52 -9.24
CA LEU A 114 -11.26 -19.64 -8.55
C LEU A 114 -12.36 -18.81 -9.18
N THR A 115 -12.09 -18.17 -10.32
CA THR A 115 -12.95 -17.09 -10.80
C THR A 115 -13.64 -17.42 -12.12
N LYS A 116 -14.79 -16.77 -12.31
CA LYS A 116 -15.41 -16.58 -13.61
C LYS A 116 -15.49 -15.07 -13.81
N GLN A 117 -14.85 -14.58 -14.88
N GLN A 117 -14.82 -14.57 -14.84
CA GLN A 117 -14.75 -13.16 -15.15
CA GLN A 117 -14.81 -13.13 -15.11
C GLN A 117 -15.65 -12.79 -16.33
C GLN A 117 -15.68 -12.80 -16.30
N SER A 118 -16.33 -11.64 -16.23
CA SER A 118 -17.09 -11.10 -17.33
C SER A 118 -17.01 -9.58 -17.26
N GLU A 119 -17.60 -8.92 -18.25
CA GLU A 119 -17.66 -7.47 -18.23
C GLU A 119 -18.40 -6.95 -17.00
N GLU A 120 -19.31 -7.76 -16.44
N GLU A 120 -19.32 -7.75 -16.44
CA GLU A 120 -20.05 -7.29 -15.27
CA GLU A 120 -20.06 -7.30 -15.27
C GLU A 120 -19.24 -7.35 -13.98
C GLU A 120 -19.19 -7.30 -14.01
N GLY A 121 -18.31 -8.29 -13.87
CA GLY A 121 -17.50 -8.42 -12.67
C GLY A 121 -16.89 -9.81 -12.60
N VAL A 122 -16.59 -10.24 -11.38
CA VAL A 122 -15.86 -11.48 -11.14
C VAL A 122 -16.58 -12.26 -10.04
N THR A 123 -16.86 -13.54 -10.30
CA THR A 123 -17.41 -14.42 -9.29
C THR A 123 -16.31 -15.36 -8.80
N PHE A 124 -16.10 -15.40 -7.48
CA PHE A 124 -15.10 -16.24 -6.85
C PHE A 124 -15.78 -17.46 -6.22
N LYS A 125 -15.18 -18.63 -6.41
CA LYS A 125 -15.73 -19.88 -5.88
C LYS A 125 -14.71 -20.48 -4.92
N SER A 126 -15.13 -20.69 -3.66
CA SER A 126 -14.27 -21.28 -2.65
C SER A 126 -13.88 -22.71 -3.01
N SER A 131 -18.55 -22.07 -1.51
CA SER A 131 -19.35 -20.85 -1.48
C SER A 131 -18.89 -19.89 -2.58
N ARG A 132 -19.85 -19.21 -3.19
CA ARG A 132 -19.57 -18.23 -4.24
C ARG A 132 -19.73 -16.82 -3.70
N HIS A 133 -18.84 -15.93 -4.15
CA HIS A 133 -18.91 -14.51 -3.80
C HIS A 133 -18.59 -13.69 -5.03
N MET A 134 -19.38 -12.64 -5.24
CA MET A 134 -19.30 -11.82 -6.43
C MET A 134 -18.66 -10.48 -6.10
N LEU A 135 -17.81 -10.00 -7.01
CA LEU A 135 -17.33 -8.64 -6.98
C LEU A 135 -17.58 -7.98 -8.33
N SER A 136 -17.84 -6.69 -8.28
CA SER A 136 -18.10 -5.87 -9.46
C SER A 136 -17.73 -4.46 -9.04
N PRO A 137 -17.65 -3.52 -9.97
CA PRO A 137 -17.42 -2.13 -9.53
C PRO A 137 -18.44 -1.70 -8.47
N GLU A 138 -19.72 -2.00 -8.71
CA GLU A 138 -20.76 -1.55 -7.79
C GLU A 138 -20.66 -2.27 -6.44
N ARG A 139 -20.44 -3.57 -6.46
CA ARG A 139 -20.39 -4.31 -5.19
C ARG A 139 -19.12 -4.00 -4.42
N SER A 140 -18.00 -3.82 -5.13
CA SER A 140 -16.76 -3.47 -4.44
C SER A 140 -16.89 -2.13 -3.73
N ILE A 141 -17.41 -1.12 -4.44
CA ILE A 141 -17.59 0.19 -3.83
C ILE A 141 -18.57 0.09 -2.65
N GLU A 142 -19.63 -0.71 -2.80
CA GLU A 142 -20.59 -0.89 -1.71
C GLU A 142 -19.92 -1.53 -0.50
N ILE A 143 -19.12 -2.57 -0.71
CA ILE A 143 -18.41 -3.19 0.42
C ILE A 143 -17.52 -2.17 1.11
N GLN A 144 -16.80 -1.38 0.34
CA GLN A 144 -15.92 -0.39 0.94
C GLN A 144 -16.71 0.65 1.74
N HIS A 145 -17.93 0.97 1.27
CA HIS A 145 -18.81 1.81 2.06
C HIS A 145 -19.22 1.13 3.36
N LEU A 146 -19.63 -0.14 3.30
CA LEU A 146 -20.04 -0.87 4.50
C LEU A 146 -18.91 -0.96 5.51
N LEU A 147 -17.67 -1.07 5.03
CA LEU A 147 -16.52 -1.08 5.92
C LEU A 147 -16.25 0.30 6.50
N GLY A 148 -16.70 1.37 5.84
CA GLY A 148 -16.40 2.71 6.29
C GLY A 148 -15.01 3.16 5.90
N SER A 149 -14.49 2.64 4.79
N SER A 149 -14.50 2.66 4.77
CA SER A 149 -13.18 3.02 4.28
CA SER A 149 -13.20 3.05 4.26
C SER A 149 -13.07 4.51 4.02
C SER A 149 -13.10 4.56 4.10
N ASP A 150 -11.90 5.09 4.34
CA ASP A 150 -11.63 6.49 4.05
C ASP A 150 -11.11 6.72 2.63
N ILE A 151 -10.20 5.88 2.16
CA ILE A 151 -9.76 5.91 0.77
C ILE A 151 -10.24 4.63 0.11
N VAL A 152 -11.15 4.79 -0.83
CA VAL A 152 -11.78 3.72 -1.58
C VAL A 152 -11.01 3.56 -2.89
N MET A 153 -10.65 2.32 -3.21
CA MET A 153 -9.99 2.05 -4.49
C MET A 153 -11.01 1.61 -5.53
N ALA A 154 -10.86 2.12 -6.76
CA ALA A 154 -11.66 1.62 -7.87
C ALA A 154 -11.46 0.12 -8.03
N PHE A 155 -12.51 -0.54 -8.53
CA PHE A 155 -12.43 -1.97 -8.84
C PHE A 155 -11.82 -2.13 -10.22
N ASP A 156 -10.70 -2.83 -10.29
CA ASP A 156 -9.89 -2.99 -11.49
C ASP A 156 -9.52 -4.44 -11.66
N GLU A 157 -8.60 -4.69 -12.59
N GLU A 157 -8.72 -4.72 -12.68
CA GLU A 157 -8.02 -6.01 -12.83
CA GLU A 157 -8.01 -5.98 -12.79
C GLU A 157 -6.51 -5.83 -12.91
C GLU A 157 -6.51 -5.69 -12.81
N CYS A 158 -5.78 -6.36 -11.92
CA CYS A 158 -4.32 -6.31 -11.98
C CYS A 158 -3.88 -7.25 -13.09
N THR A 159 -3.43 -6.69 -14.21
CA THR A 159 -3.08 -7.52 -15.35
C THR A 159 -1.95 -8.47 -14.98
N PRO A 160 -2.06 -9.76 -15.29
CA PRO A 160 -0.94 -10.67 -15.03
C PRO A 160 0.31 -10.26 -15.79
N TYR A 161 1.46 -10.66 -15.25
CA TYR A 161 2.75 -10.38 -15.86
C TYR A 161 3.51 -11.68 -16.09
N PRO A 162 4.11 -11.84 -17.28
CA PRO A 162 4.05 -10.91 -18.42
C PRO A 162 2.72 -10.98 -19.13
N ALA A 163 2.43 -9.94 -19.90
CA ALA A 163 1.22 -9.89 -20.71
C ALA A 163 1.59 -9.45 -22.13
N THR A 164 0.93 -10.03 -23.12
CA THR A 164 1.12 -9.56 -24.47
C THR A 164 0.49 -8.17 -24.59
N PRO A 165 0.94 -7.37 -25.55
CA PRO A 165 0.30 -6.07 -25.77
C PRO A 165 -1.20 -6.15 -25.98
N SER A 166 -1.69 -7.15 -26.74
N SER A 166 -1.69 -7.16 -26.72
CA SER A 166 -3.12 -7.26 -26.96
CA SER A 166 -3.12 -7.25 -26.97
C SER A 166 -3.86 -7.51 -25.66
C SER A 166 -3.89 -7.56 -25.70
N ARG A 167 -3.37 -8.46 -24.86
CA ARG A 167 -4.08 -8.80 -23.62
C ARG A 167 -3.95 -7.69 -22.59
N ALA A 168 -2.80 -7.04 -22.54
CA ALA A 168 -2.66 -5.89 -21.65
C ALA A 168 -3.63 -4.79 -22.04
N ALA A 169 -3.82 -4.56 -23.35
CA ALA A 169 -4.75 -3.52 -23.79
C ALA A 169 -6.19 -3.89 -23.42
N SER A 170 -6.59 -5.13 -23.70
CA SER A 170 -7.95 -5.56 -23.37
C SER A 170 -8.23 -5.44 -21.88
N SER A 171 -7.27 -5.86 -21.06
CA SER A 171 -7.43 -5.79 -19.62
C SER A 171 -7.54 -4.34 -19.16
N MET A 172 -6.63 -3.49 -19.64
CA MET A 172 -6.64 -2.08 -19.25
C MET A 172 -7.94 -1.42 -19.67
N GLU A 173 -8.43 -1.70 -20.88
CA GLU A 173 -9.66 -1.08 -21.35
C GLU A 173 -10.84 -1.47 -20.47
N ARG A 174 -10.93 -2.75 -20.09
CA ARG A 174 -11.96 -3.16 -19.16
C ARG A 174 -11.80 -2.44 -17.82
N SER A 175 -10.57 -2.35 -17.30
CA SER A 175 -10.37 -1.63 -16.06
C SER A 175 -10.81 -0.18 -16.16
N MET A 176 -10.64 0.47 -17.31
CA MET A 176 -11.08 1.86 -17.41
C MET A 176 -12.59 1.97 -17.44
N ARG A 177 -13.27 1.02 -18.09
CA ARG A 177 -14.73 1.00 -18.00
C ARG A 177 -15.17 0.77 -16.56
N TRP A 178 -14.49 -0.13 -15.86
CA TRP A 178 -14.79 -0.39 -14.45
C TRP A 178 -14.46 0.82 -13.57
N ALA A 179 -13.47 1.62 -13.96
CA ALA A 179 -13.14 2.82 -13.19
C ALA A 179 -14.28 3.84 -13.26
N LYS A 180 -14.88 3.99 -14.44
CA LYS A 180 -16.03 4.88 -14.57
C LYS A 180 -17.21 4.36 -13.77
N ARG A 181 -17.46 3.05 -13.81
CA ARG A 181 -18.54 2.48 -13.00
C ARG A 181 -18.25 2.66 -11.51
N SER A 182 -16.99 2.56 -11.11
CA SER A 182 -16.63 2.77 -9.71
C SER A 182 -16.90 4.21 -9.29
N ARG A 183 -16.47 5.17 -10.12
CA ARG A 183 -16.74 6.58 -9.88
C ARG A 183 -18.23 6.84 -9.69
N ASP A 184 -19.06 6.30 -10.60
CA ASP A 184 -20.49 6.58 -10.53
C ASP A 184 -21.12 5.93 -9.32
N ALA A 185 -20.69 4.72 -8.97
CA ALA A 185 -21.22 4.06 -7.77
C ALA A 185 -20.88 4.84 -6.52
N PHE A 186 -19.64 5.30 -6.41
CA PHE A 186 -19.20 6.08 -5.28
C PHE A 186 -19.99 7.39 -5.17
N ASP A 187 -20.14 8.09 -6.30
CA ASP A 187 -20.81 9.39 -6.28
C ASP A 187 -22.29 9.27 -5.97
N SER A 188 -22.93 8.16 -6.33
N SER A 188 -22.91 8.14 -6.31
CA SER A 188 -24.35 7.99 -6.08
CA SER A 188 -24.34 7.95 -6.09
C SER A 188 -24.66 7.89 -4.59
C SER A 188 -24.70 7.59 -4.66
N ARG A 189 -23.70 7.42 -3.80
CA ARG A 189 -23.89 7.17 -2.39
C ARG A 189 -23.42 8.40 -1.64
N LYS A 190 -24.37 9.27 -1.27
CA LYS A 190 -24.04 10.60 -0.78
C LYS A 190 -23.13 10.58 0.45
N GLU A 191 -23.41 9.69 1.40
CA GLU A 191 -22.60 9.64 2.62
C GLU A 191 -21.16 9.27 2.29
N GLN A 192 -20.97 8.35 1.35
CA GLN A 192 -19.63 7.95 0.94
C GLN A 192 -18.94 9.09 0.19
N ALA A 193 -19.64 9.68 -0.78
CA ALA A 193 -19.06 10.75 -1.58
C ALA A 193 -18.65 11.94 -0.72
N GLU A 194 -19.36 12.20 0.37
CA GLU A 194 -19.08 13.37 1.20
C GLU A 194 -18.00 13.13 2.24
N ASN A 195 -17.69 11.88 2.58
CA ASN A 195 -16.81 11.59 3.69
C ASN A 195 -15.57 10.79 3.34
N ALA A 196 -15.55 10.13 2.18
CA ALA A 196 -14.43 9.31 1.76
C ALA A 196 -13.83 9.91 0.49
N ALA A 197 -12.71 9.35 0.07
CA ALA A 197 -12.04 9.69 -1.17
C ALA A 197 -12.00 8.45 -2.07
N LEU A 198 -11.87 8.67 -3.38
CA LEU A 198 -11.84 7.60 -4.36
C LEU A 198 -10.59 7.74 -5.21
N PHE A 199 -9.79 6.66 -5.28
CA PHE A 199 -8.60 6.65 -6.12
C PHE A 199 -8.82 5.76 -7.33
N GLY A 200 -8.36 6.20 -8.50
CA GLY A 200 -8.33 5.36 -9.67
C GLY A 200 -7.03 4.60 -9.79
N ILE A 201 -7.01 3.54 -10.58
CA ILE A 201 -5.85 2.65 -10.70
C ILE A 201 -5.44 2.56 -12.17
N GLN A 202 -4.23 3.03 -12.47
CA GLN A 202 -3.68 2.94 -13.81
C GLN A 202 -3.21 1.51 -14.09
N GLN A 203 -3.55 1.03 -15.29
CA GLN A 203 -3.05 -0.26 -15.77
C GLN A 203 -2.30 -0.05 -17.08
N GLY A 204 -2.07 -1.12 -17.85
CA GLY A 204 -1.29 -1.02 -19.06
C GLY A 204 -0.01 -1.83 -19.06
N SER A 205 0.19 -2.65 -18.03
CA SER A 205 1.35 -3.55 -17.96
C SER A 205 2.62 -2.72 -18.08
N VAL A 206 3.58 -3.12 -18.93
CA VAL A 206 4.85 -2.42 -19.06
C VAL A 206 4.90 -1.53 -20.30
N PHE A 207 3.76 -1.25 -20.91
CA PHE A 207 3.70 -0.62 -22.22
C PHE A 207 3.34 0.85 -22.09
N GLU A 208 4.23 1.72 -22.58
CA GLU A 208 4.07 3.16 -22.40
C GLU A 208 2.76 3.67 -23.02
N ASN A 209 2.44 3.23 -24.24
CA ASN A 209 1.22 3.74 -24.88
C ASN A 209 -0.03 3.35 -24.10
N LEU A 210 -0.06 2.15 -23.54
CA LEU A 210 -1.23 1.73 -22.77
C LEU A 210 -1.30 2.46 -21.43
N ARG A 211 -0.15 2.66 -20.79
CA ARG A 211 -0.11 3.46 -19.57
C ARG A 211 -0.62 4.87 -19.82
N GLN A 212 -0.28 5.44 -20.98
CA GLN A 212 -0.75 6.79 -21.32
C GLN A 212 -2.26 6.80 -21.53
N GLN A 213 -2.78 5.82 -22.28
N GLN A 213 -2.78 5.82 -22.28
CA GLN A 213 -4.22 5.74 -22.48
CA GLN A 213 -4.22 5.77 -22.48
C GLN A 213 -4.94 5.59 -21.15
C GLN A 213 -4.95 5.59 -21.15
N SER A 214 -4.39 4.78 -20.24
CA SER A 214 -5.02 4.56 -18.96
C SER A 214 -5.01 5.84 -18.12
N ALA A 215 -3.86 6.52 -18.06
CA ALA A 215 -3.78 7.78 -17.33
C ALA A 215 -4.77 8.80 -17.88
N ASP A 216 -4.87 8.90 -19.21
CA ASP A 216 -5.79 9.85 -19.81
C ASP A 216 -7.23 9.51 -19.44
N ALA A 217 -7.60 8.23 -19.49
CA ALA A 217 -8.95 7.84 -19.13
C ALA A 217 -9.26 8.18 -17.68
N LEU A 218 -8.32 7.88 -16.78
CA LEU A 218 -8.57 8.15 -15.37
C LEU A 218 -8.68 9.64 -15.09
N ALA A 219 -7.82 10.45 -15.72
CA ALA A 219 -7.87 11.89 -15.50
C ALA A 219 -9.15 12.50 -16.05
N GLU A 220 -9.67 11.95 -17.15
CA GLU A 220 -10.94 12.42 -17.70
C GLU A 220 -12.09 12.15 -16.75
N ILE A 221 -12.10 10.95 -16.14
CA ILE A 221 -13.11 10.63 -15.14
C ILE A 221 -12.93 11.53 -13.92
N GLY A 222 -11.69 11.64 -13.44
CA GLY A 222 -11.35 12.45 -12.29
C GLY A 222 -11.42 11.67 -11.00
N PHE A 223 -10.31 11.63 -10.26
CA PHE A 223 -10.21 10.94 -8.99
C PHE A 223 -9.48 11.81 -7.98
N ASP A 224 -9.57 11.44 -6.71
CA ASP A 224 -8.86 12.14 -5.65
C ASP A 224 -7.39 11.77 -5.59
N GLY A 225 -7.03 10.59 -6.13
CA GLY A 225 -5.65 10.14 -6.18
C GLY A 225 -5.58 9.07 -7.23
N TYR A 226 -4.34 8.72 -7.59
CA TYR A 226 -4.09 7.84 -8.72
C TYR A 226 -3.06 6.80 -8.30
N ALA A 227 -3.44 5.53 -8.39
CA ALA A 227 -2.52 4.45 -8.13
C ALA A 227 -1.89 3.97 -9.42
N VAL A 228 -0.63 3.58 -9.32
CA VAL A 228 0.03 2.80 -10.36
C VAL A 228 -0.21 1.33 -10.01
N GLY A 229 -1.15 0.71 -10.73
CA GLY A 229 -1.43 -0.70 -10.57
C GLY A 229 -0.58 -1.53 -11.51
N GLY A 230 -0.73 -2.85 -11.39
CA GLY A 230 -0.10 -3.77 -12.33
C GLY A 230 1.38 -3.93 -12.18
N LEU A 231 1.97 -3.46 -11.09
CA LEU A 231 3.39 -3.67 -10.82
C LEU A 231 3.53 -4.48 -9.54
N ALA A 232 4.77 -4.79 -9.16
CA ALA A 232 5.03 -5.74 -8.09
C ALA A 232 4.29 -7.05 -8.36
N VAL A 233 4.45 -7.53 -9.60
CA VAL A 233 3.81 -8.75 -10.07
C VAL A 233 4.85 -9.71 -10.66
N GLY A 234 6.10 -9.54 -10.27
CA GLY A 234 7.16 -10.43 -10.73
C GLY A 234 8.12 -9.82 -11.71
N GLU A 235 7.98 -8.53 -12.03
N GLU A 235 7.91 -8.57 -12.12
CA GLU A 235 8.75 -7.91 -13.10
CA GLU A 235 8.95 -7.87 -12.85
C GLU A 235 10.18 -7.53 -12.71
C GLU A 235 10.07 -7.51 -11.88
N GLY A 236 10.48 -7.43 -11.42
N GLY A 236 11.28 -7.41 -12.42
CA GLY A 236 11.81 -7.04 -10.98
CA GLY A 236 12.39 -6.99 -11.60
C GLY A 236 12.00 -5.53 -10.97
C GLY A 236 12.31 -5.51 -11.29
N GLN A 237 13.06 -5.10 -10.27
CA GLN A 237 13.18 -3.69 -9.95
C GLN A 237 13.54 -2.83 -11.16
N ASP A 238 14.48 -3.30 -11.99
CA ASP A 238 14.86 -2.51 -13.15
C ASP A 238 13.66 -2.21 -14.03
N GLU A 239 12.84 -3.23 -14.28
CA GLU A 239 11.66 -3.04 -15.13
C GLU A 239 10.61 -2.19 -14.44
N MET A 240 10.39 -2.39 -13.14
N MET A 240 10.39 -2.41 -13.15
CA MET A 240 9.44 -1.56 -12.41
CA MET A 240 9.45 -1.57 -12.42
C MET A 240 9.85 -0.10 -12.46
C MET A 240 9.86 -0.11 -12.52
N PHE A 241 11.14 0.18 -12.29
CA PHE A 241 11.62 1.56 -12.36
C PHE A 241 11.48 2.13 -13.76
N ARG A 242 11.76 1.31 -14.79
CA ARG A 242 11.58 1.77 -16.17
C ARG A 242 10.14 2.18 -16.43
N VAL A 243 9.19 1.38 -15.95
CA VAL A 243 7.77 1.71 -16.15
C VAL A 243 7.38 2.94 -15.35
N LEU A 244 7.86 3.05 -14.11
CA LEU A 244 7.58 4.26 -13.33
C LEU A 244 8.13 5.50 -14.00
N ASP A 245 9.31 5.39 -14.63
CA ASP A 245 9.94 6.55 -15.26
C ASP A 245 8.98 7.28 -16.20
N PHE A 246 8.26 6.52 -17.03
CA PHE A 246 7.29 7.15 -17.93
C PHE A 246 5.87 7.21 -17.39
N SER A 247 5.51 6.34 -16.44
CA SER A 247 4.10 6.26 -16.04
C SER A 247 3.71 7.34 -15.05
N VAL A 248 4.54 7.61 -14.04
CA VAL A 248 4.14 8.59 -13.02
C VAL A 248 3.94 9.97 -13.60
N PRO A 249 4.78 10.48 -14.51
CA PRO A 249 4.52 11.82 -15.08
C PRO A 249 3.20 11.92 -15.82
N MET A 250 2.60 10.80 -16.22
CA MET A 250 1.32 10.84 -16.91
C MET A 250 0.17 11.17 -15.99
N LEU A 251 0.34 10.97 -14.69
CA LEU A 251 -0.74 11.17 -13.74
C LEU A 251 -0.81 12.65 -13.35
N PRO A 252 -1.98 13.12 -12.93
CA PRO A 252 -2.08 14.51 -12.47
C PRO A 252 -1.07 14.80 -11.37
N ASP A 253 -0.33 15.90 -11.53
CA ASP A 253 0.73 16.22 -10.60
C ASP A 253 0.21 16.57 -9.22
N ASP A 254 -0.97 17.18 -9.14
CA ASP A 254 -1.49 17.76 -7.90
C ASP A 254 -2.29 16.77 -7.06
N LYS A 255 -2.26 15.48 -7.39
N LYS A 255 -2.26 15.48 -7.39
CA LYS A 255 -2.95 14.45 -6.62
CA LYS A 255 -2.95 14.46 -6.62
C LYS A 255 -1.94 13.40 -6.19
C LYS A 255 -1.94 13.39 -6.20
N PRO A 256 -2.23 12.66 -5.12
CA PRO A 256 -1.29 11.62 -4.67
C PRO A 256 -1.13 10.51 -5.70
N HIS A 257 0.08 9.94 -5.71
CA HIS A 257 0.46 8.84 -6.58
C HIS A 257 0.79 7.64 -5.68
N TYR A 258 0.06 6.53 -5.86
CA TYR A 258 0.13 5.40 -4.94
C TYR A 258 0.62 4.17 -5.69
N LEU A 259 1.78 3.64 -5.29
CA LEU A 259 2.34 2.45 -5.93
C LEU A 259 1.92 1.22 -5.12
N MET A 260 1.03 0.42 -5.69
CA MET A 260 0.40 -0.67 -4.95
C MET A 260 1.35 -1.85 -4.77
N GLY A 261 1.51 -2.29 -3.52
CA GLY A 261 2.25 -3.52 -3.24
C GLY A 261 3.74 -3.38 -3.13
N VAL A 262 4.28 -2.17 -3.18
CA VAL A 262 5.72 -1.92 -3.13
C VAL A 262 6.07 -1.30 -1.77
N GLY A 263 7.13 -1.76 -1.11
CA GLY A 263 8.02 -2.84 -1.54
C GLY A 263 9.20 -2.91 -0.58
N LYS A 264 10.32 -3.44 -1.06
CA LYS A 264 11.55 -3.45 -0.27
C LYS A 264 12.01 -2.02 -0.06
N PRO A 265 12.84 -1.76 0.96
CA PRO A 265 13.30 -0.39 1.22
C PRO A 265 13.88 0.32 0.01
N ASP A 266 14.72 -0.36 -0.78
N ASP A 266 14.74 -0.36 -0.77
CA ASP A 266 15.31 0.28 -1.94
CA ASP A 266 15.32 0.28 -1.96
C ASP A 266 14.28 0.50 -3.05
C ASP A 266 14.27 0.53 -3.04
N ASP A 267 13.26 -0.35 -3.14
CA ASP A 267 12.17 -0.09 -4.07
C ASP A 267 11.47 1.20 -3.72
N ILE A 268 11.20 1.41 -2.43
CA ILE A 268 10.51 2.61 -1.97
C ILE A 268 11.32 3.85 -2.30
N VAL A 269 12.62 3.83 -1.98
CA VAL A 269 13.46 5.00 -2.24
C VAL A 269 13.44 5.35 -3.72
N GLY A 270 13.65 4.35 -4.58
CA GLY A 270 13.67 4.64 -6.01
C GLY A 270 12.32 5.07 -6.54
N ALA A 271 11.23 4.55 -5.97
CA ALA A 271 9.91 4.95 -6.41
C ALA A 271 9.60 6.40 -5.99
N VAL A 272 10.05 6.81 -4.81
CA VAL A 272 9.91 8.22 -4.41
C VAL A 272 10.69 9.12 -5.36
N GLU A 273 11.90 8.70 -5.74
CA GLU A 273 12.68 9.43 -6.73
C GLU A 273 11.95 9.58 -8.05
N ARG A 274 10.95 8.74 -8.29
CA ARG A 274 10.17 8.75 -9.52
C ARG A 274 8.76 9.32 -9.33
N GLY A 275 8.47 9.90 -8.17
CA GLY A 275 7.24 10.65 -7.95
C GLY A 275 6.14 9.95 -7.21
N ILE A 276 6.42 8.83 -6.57
CA ILE A 276 5.40 8.13 -5.79
C ILE A 276 5.29 8.72 -4.39
N ASP A 277 4.04 8.83 -3.91
CA ASP A 277 3.71 9.41 -2.62
C ASP A 277 3.20 8.41 -1.58
N MET A 278 2.75 7.23 -1.98
CA MET A 278 2.13 6.28 -1.07
C MET A 278 2.52 4.87 -1.46
N PHE A 279 2.66 4.00 -0.45
CA PHE A 279 3.12 2.63 -0.57
C PHE A 279 2.37 1.75 0.42
N ASP A 280 2.24 0.47 0.08
CA ASP A 280 1.86 -0.57 1.03
C ASP A 280 2.62 -1.84 0.65
N CYS A 281 2.90 -2.68 1.64
N CYS A 281 2.97 -2.65 1.64
CA CYS A 281 3.61 -3.92 1.38
CA CYS A 281 3.39 -4.00 1.28
C CYS A 281 3.48 -4.86 2.57
C CYS A 281 3.48 -4.85 2.53
N VAL A 282 3.32 -6.16 2.30
CA VAL A 282 3.36 -7.14 3.39
C VAL A 282 4.76 -7.47 3.84
N LEU A 283 5.80 -7.03 3.14
CA LEU A 283 7.16 -7.45 3.47
C LEU A 283 7.53 -7.24 4.93
N PRO A 284 7.35 -6.06 5.53
CA PRO A 284 7.80 -5.91 6.93
C PRO A 284 7.09 -6.83 7.91
N THR A 285 5.79 -7.03 7.72
CA THR A 285 5.02 -7.89 8.62
C THR A 285 5.29 -9.36 8.33
N ARG A 286 5.05 -9.80 7.09
N ARG A 286 5.06 -9.79 7.09
CA ARG A 286 5.18 -11.21 6.77
CA ARG A 286 5.17 -11.20 6.72
C ARG A 286 6.62 -11.70 6.93
C ARG A 286 6.61 -11.70 6.89
N SER A 287 7.59 -10.97 6.37
CA SER A 287 8.95 -11.45 6.49
C SER A 287 9.48 -11.29 7.92
N GLY A 288 8.96 -10.33 8.68
CA GLY A 288 9.29 -10.26 10.10
C GLY A 288 8.90 -11.52 10.84
N ARG A 289 7.66 -12.00 10.61
CA ARG A 289 7.25 -13.25 11.26
C ARG A 289 8.13 -14.41 10.84
N ASN A 290 8.69 -14.35 9.64
CA ASN A 290 9.59 -15.39 9.13
C ASN A 290 11.04 -15.19 9.57
N GLY A 291 11.33 -14.16 10.35
CA GLY A 291 12.66 -13.99 10.90
C GLY A 291 13.54 -12.97 10.21
N GLN A 292 13.04 -12.26 9.20
CA GLN A 292 13.85 -11.26 8.51
C GLN A 292 13.64 -9.91 9.16
N ALA A 293 14.73 -9.31 9.63
CA ALA A 293 14.71 -7.97 10.22
C ALA A 293 15.41 -7.00 9.30
N PHE A 294 14.79 -5.84 9.08
CA PHE A 294 15.41 -4.79 8.29
C PHE A 294 16.34 -3.94 9.15
N THR A 295 17.52 -3.63 8.60
CA THR A 295 18.48 -2.77 9.27
C THR A 295 19.05 -1.82 8.22
N TRP A 296 19.68 -0.74 8.70
CA TRP A 296 20.30 0.21 7.79
C TRP A 296 21.48 -0.39 7.04
N ASP A 297 21.99 -1.53 7.51
CA ASP A 297 23.03 -2.27 6.82
C ASP A 297 22.48 -3.45 6.03
N GLY A 298 21.19 -3.43 5.71
CA GLY A 298 20.56 -4.48 4.94
C GLY A 298 19.80 -5.44 5.83
N PRO A 299 19.03 -6.33 5.23
CA PRO A 299 18.25 -7.29 6.03
C PRO A 299 19.14 -8.34 6.66
N ILE A 300 18.69 -8.86 7.81
CA ILE A 300 19.34 -9.99 8.47
C ILE A 300 18.27 -11.05 8.73
N ASN A 301 18.69 -12.32 8.78
CA ASN A 301 17.78 -13.38 9.20
C ASN A 301 18.13 -13.79 10.62
N ILE A 302 17.26 -13.39 11.55
CA ILE A 302 17.52 -13.54 12.97
C ILE A 302 17.61 -15.00 13.38
N ARG A 303 17.09 -15.92 12.57
N ARG A 303 17.11 -15.93 12.56
CA ARG A 303 17.21 -17.35 12.87
CA ARG A 303 17.22 -17.34 12.90
C ARG A 303 18.65 -17.84 12.78
C ARG A 303 18.64 -17.86 12.75
N ASN A 304 19.52 -17.13 12.05
CA ASN A 304 20.87 -17.61 11.84
C ASN A 304 21.60 -17.79 13.17
N ALA A 305 22.32 -18.90 13.29
CA ALA A 305 23.05 -19.24 14.50
C ALA A 305 24.00 -18.14 14.95
N ARG A 306 24.47 -17.30 14.02
CA ARG A 306 25.39 -16.24 14.41
C ARG A 306 24.77 -15.22 15.36
N PHE A 307 23.45 -15.22 15.51
CA PHE A 307 22.77 -14.28 16.39
C PHE A 307 22.47 -14.86 17.77
N SER A 308 22.84 -16.12 18.02
CA SER A 308 22.37 -16.79 19.23
C SER A 308 22.91 -16.16 20.51
N GLU A 309 24.07 -15.47 20.42
CA GLU A 309 24.65 -14.80 21.58
C GLU A 309 24.95 -13.34 21.30
N ASP A 310 24.27 -12.75 20.34
CA ASP A 310 24.49 -11.36 19.94
C ASP A 310 23.61 -10.46 20.81
N LEU A 311 24.24 -9.68 21.68
CA LEU A 311 23.51 -8.82 22.59
C LEU A 311 23.08 -7.50 21.98
N LYS A 312 23.50 -7.19 20.76
CA LYS A 312 23.09 -5.96 20.13
C LYS A 312 21.61 -5.98 19.78
N PRO A 313 20.98 -4.81 19.67
CA PRO A 313 19.61 -4.76 19.14
C PRO A 313 19.59 -5.13 17.66
N LEU A 314 18.37 -5.37 17.16
CA LEU A 314 18.21 -5.70 15.75
C LEU A 314 18.95 -4.70 14.85
N ASP A 315 18.77 -3.41 15.10
CA ASP A 315 19.49 -2.39 14.36
C ASP A 315 20.11 -1.39 15.32
N SER A 316 21.32 -0.94 14.99
CA SER A 316 22.15 -0.16 15.91
C SER A 316 21.66 1.27 16.10
N GLU A 317 20.82 1.78 15.20
CA GLU A 317 20.33 3.16 15.28
C GLU A 317 18.83 3.25 15.50
N CYS A 318 18.09 2.17 15.21
CA CYS A 318 16.64 2.20 15.26
C CYS A 318 16.13 2.67 16.62
N HIS A 319 15.14 3.55 16.59
CA HIS A 319 14.56 4.13 17.80
C HIS A 319 13.38 3.34 18.36
N CYS A 320 13.06 2.18 17.79
CA CYS A 320 11.84 1.51 18.20
C CYS A 320 11.97 0.88 19.57
N ALA A 321 10.83 0.56 20.17
CA ALA A 321 10.81 0.02 21.52
C ALA A 321 11.50 -1.34 21.59
N VAL A 322 11.46 -2.10 20.49
CA VAL A 322 12.11 -3.41 20.49
C VAL A 322 13.62 -3.24 20.60
N CYS A 323 14.18 -2.30 19.84
CA CYS A 323 15.62 -2.09 19.85
C CYS A 323 16.08 -1.40 21.12
N GLN A 324 15.18 -0.73 21.84
CA GLN A 324 15.55 -0.18 23.12
C GLN A 324 15.67 -1.23 24.21
N LYS A 325 14.99 -2.39 24.06
N LYS A 325 15.02 -2.37 24.06
CA LYS A 325 14.72 -3.30 25.18
CA LYS A 325 14.95 -3.28 25.19
C LYS A 325 15.22 -4.73 25.03
C LYS A 325 15.58 -4.64 24.95
N TRP A 326 15.32 -5.27 23.82
CA TRP A 326 15.67 -6.68 23.63
C TRP A 326 16.83 -6.87 22.66
N SER A 327 17.57 -7.95 22.89
CA SER A 327 18.71 -8.31 22.06
C SER A 327 18.31 -9.19 20.88
N ARG A 328 19.19 -9.17 19.87
CA ARG A 328 19.13 -10.17 18.81
C ARG A 328 19.08 -11.59 19.37
N ALA A 329 19.87 -11.86 20.42
CA ALA A 329 19.93 -13.22 20.98
C ALA A 329 18.56 -13.66 21.48
N TYR A 330 17.85 -12.76 22.17
CA TYR A 330 16.54 -13.11 22.68
C TYR A 330 15.55 -13.34 21.55
N ILE A 331 15.54 -12.44 20.56
CA ILE A 331 14.59 -12.56 19.46
C ILE A 331 14.90 -13.80 18.63
N HIS A 332 16.19 -14.11 18.45
CA HIS A 332 16.61 -15.37 17.80
C HIS A 332 16.00 -16.56 18.52
N HIS A 333 16.11 -16.60 19.85
CA HIS A 333 15.51 -17.67 20.63
C HIS A 333 14.01 -17.74 20.40
N LEU A 334 13.32 -16.60 20.46
CA LEU A 334 11.86 -16.61 20.30
C LEU A 334 11.45 -17.14 18.94
N ILE A 335 12.09 -16.66 17.87
CA ILE A 335 11.70 -17.10 16.53
C ILE A 335 12.01 -18.58 16.32
N ARG A 336 13.19 -19.02 16.79
CA ARG A 336 13.53 -20.44 16.69
C ARG A 336 12.53 -21.30 17.44
N ALA A 337 12.01 -20.80 18.56
CA ALA A 337 11.07 -21.55 19.37
C ALA A 337 9.63 -21.45 18.87
N GLY A 338 9.37 -20.64 17.84
CA GLY A 338 8.00 -20.45 17.39
C GLY A 338 7.13 -19.65 18.34
N GLU A 339 7.74 -18.82 19.17
CA GLU A 339 6.98 -18.07 20.16
C GLU A 339 6.30 -16.85 19.55
N ILE A 340 5.06 -16.62 19.97
CA ILE A 340 4.28 -15.48 19.47
C ILE A 340 5.02 -14.17 19.71
N LEU A 341 5.66 -14.02 20.87
CA LEU A 341 6.38 -12.76 21.13
C LEU A 341 7.45 -12.50 20.10
N GLY A 342 8.04 -13.56 19.51
CA GLY A 342 9.00 -13.34 18.44
C GLY A 342 8.37 -12.64 17.25
N ALA A 343 7.19 -13.11 16.83
CA ALA A 343 6.47 -12.45 15.74
C ALA A 343 6.13 -11.02 16.11
N MET A 344 5.68 -10.79 17.34
CA MET A 344 5.32 -9.44 17.78
C MET A 344 6.50 -8.49 17.70
N LEU A 345 7.65 -8.91 18.23
CA LEU A 345 8.81 -8.02 18.30
C LEU A 345 9.41 -7.78 16.92
N MET A 346 9.55 -8.84 16.11
CA MET A 346 10.05 -8.65 14.75
C MET A 346 9.16 -7.71 13.96
N THR A 347 7.84 -7.87 14.09
CA THR A 347 6.91 -7.07 13.31
C THR A 347 6.96 -5.62 13.73
N GLU A 348 6.97 -5.35 15.04
CA GLU A 348 7.02 -3.97 15.51
C GLU A 348 8.29 -3.29 15.03
N HIS A 349 9.44 -3.98 15.15
CA HIS A 349 10.68 -3.39 14.67
C HIS A 349 10.61 -3.10 13.16
N ASN A 350 10.14 -4.07 12.36
CA ASN A 350 10.18 -3.87 10.91
C ASN A 350 9.26 -2.74 10.48
N ILE A 351 8.07 -2.66 11.08
CA ILE A 351 7.17 -1.56 10.73
C ILE A 351 7.75 -0.23 11.19
N ALA A 352 8.37 -0.21 12.38
CA ALA A 352 9.03 1.02 12.84
C ALA A 352 10.18 1.40 11.92
N PHE A 353 10.94 0.42 11.45
CA PHE A 353 12.02 0.70 10.50
C PHE A 353 11.46 1.34 9.24
N TYR A 354 10.39 0.76 8.69
CA TYR A 354 9.78 1.32 7.50
C TYR A 354 9.30 2.76 7.74
N GLN A 355 8.71 3.02 8.91
CA GLN A 355 8.26 4.38 9.18
C GLN A 355 9.43 5.34 9.35
N GLN A 356 10.54 4.88 9.94
CA GLN A 356 11.71 5.73 10.05
C GLN A 356 12.32 6.01 8.68
N LEU A 357 12.29 5.01 7.78
CA LEU A 357 12.68 5.26 6.40
C LEU A 357 11.83 6.35 5.78
N MET A 358 10.50 6.27 5.94
CA MET A 358 9.64 7.29 5.35
C MET A 358 9.92 8.67 5.96
N GLN A 359 10.17 8.71 7.27
CA GLN A 359 10.47 9.98 7.90
C GLN A 359 11.77 10.58 7.36
N LYS A 360 12.80 9.76 7.17
CA LYS A 360 14.04 10.24 6.60
C LYS A 360 13.85 10.72 5.17
N ILE A 361 13.01 10.03 4.41
CA ILE A 361 12.68 10.47 3.06
C ILE A 361 11.98 11.83 3.09
N ARG A 362 10.94 11.96 3.92
CA ARG A 362 10.21 13.23 4.02
C ARG A 362 11.13 14.36 4.44
N ASP A 363 11.95 14.13 5.48
CA ASP A 363 12.83 15.18 5.96
C ASP A 363 13.86 15.56 4.90
N SER A 364 14.42 14.59 4.20
CA SER A 364 15.44 14.91 3.22
C SER A 364 14.87 15.67 2.03
N ILE A 365 13.65 15.33 1.58
CA ILE A 365 13.02 16.12 0.52
C ILE A 365 12.78 17.54 1.00
N SER A 366 12.24 17.68 2.22
N SER A 366 12.25 17.69 2.23
CA SER A 366 11.96 18.99 2.80
CA SER A 366 11.95 19.02 2.73
C SER A 366 13.20 19.86 2.85
C SER A 366 13.20 19.87 2.91
N GLU A 367 14.37 19.24 3.01
CA GLU A 367 15.63 19.95 3.16
C GLU A 367 16.42 19.99 1.87
N GLY A 368 15.87 19.47 0.78
CA GLY A 368 16.55 19.51 -0.50
C GLY A 368 17.79 18.64 -0.58
N ARG A 369 17.84 17.55 0.19
CA ARG A 369 18.99 16.65 0.21
C ARG A 369 18.56 15.20 0.03
N PHE A 370 17.44 14.98 -0.67
CA PHE A 370 16.95 13.62 -0.86
C PHE A 370 17.84 12.82 -1.80
N SER A 371 18.36 13.45 -2.87
CA SER A 371 19.24 12.70 -3.75
C SER A 371 20.46 12.19 -3.00
N GLN A 372 21.04 13.01 -2.12
CA GLN A 372 22.15 12.57 -1.30
C GLN A 372 21.73 11.47 -0.34
N PHE A 373 20.54 11.62 0.27
CA PHE A 373 20.05 10.56 1.16
C PHE A 373 19.93 9.24 0.42
N ALA A 374 19.36 9.26 -0.78
CA ALA A 374 19.17 8.03 -1.54
C ALA A 374 20.51 7.36 -1.83
N GLN A 375 21.52 8.16 -2.18
N GLN A 375 21.52 8.16 -2.18
CA GLN A 375 22.84 7.60 -2.46
CA GLN A 375 22.83 7.59 -2.46
C GLN A 375 23.48 7.03 -1.21
C GLN A 375 23.48 7.03 -1.21
N ASP A 376 23.41 7.78 -0.10
CA ASP A 376 23.97 7.30 1.16
C ASP A 376 23.24 6.06 1.64
N PHE A 377 21.91 6.06 1.54
CA PHE A 377 21.13 4.90 1.95
C PHE A 377 21.56 3.65 1.19
N ARG A 378 21.64 3.76 -0.14
CA ARG A 378 21.97 2.59 -0.95
C ARG A 378 23.38 2.09 -0.68
N ALA A 379 24.34 3.01 -0.52
CA ALA A 379 25.72 2.61 -0.29
C ALA A 379 25.85 1.80 1.00
N ARG A 380 25.12 2.18 2.04
CA ARG A 380 25.21 1.47 3.30
C ARG A 380 24.36 0.21 3.30
N TYR A 381 23.15 0.29 2.76
CA TYR A 381 22.24 -0.84 2.79
C TYR A 381 22.78 -2.01 1.99
N PHE A 382 23.50 -1.74 0.91
CA PHE A 382 24.05 -2.76 0.04
C PHE A 382 25.54 -3.01 0.25
N ALA A 383 26.12 -2.47 1.33
CA ALA A 383 27.51 -2.76 1.65
C ALA A 383 27.63 -4.12 2.34
ZN ZN B . 13.99 -1.43 16.06
C1 GOL C . -4.89 5.38 16.15
O1 GOL C . -5.15 6.76 16.38
C2 GOL C . -5.57 4.57 17.26
O2 GOL C . -6.88 4.21 16.90
C3 GOL C . -4.72 3.34 17.53
O3 GOL C . -5.32 2.60 18.56
C1 GOL D . 20.87 5.76 5.83
O1 GOL D . 22.04 5.02 5.54
C2 GOL D . 21.09 6.56 7.11
O2 GOL D . 20.16 7.63 7.15
C3 GOL D . 20.88 5.67 8.32
O3 GOL D . 21.05 6.40 9.51
C1 GOL E . 18.59 -3.23 23.67
O1 GOL E . 19.32 -2.10 23.23
C2 GOL E . 19.57 -4.24 24.26
O2 GOL E . 18.90 -5.04 25.21
C3 GOL E . 20.73 -3.50 24.92
O3 GOL E . 21.49 -2.84 23.92
CL CL F . 1.36 -9.67 6.60
C 6MQ G . 1.45 -10.06 -1.37
C1 6MQ G . 3.49 -9.73 -2.50
C2 6MQ G . 3.53 -7.64 -3.53
C3 6MQ G . 2.11 -7.27 -3.90
C4 6MQ G . 0.91 -6.00 -5.60
O 6MQ G . 2.17 -10.19 -2.59
C5 6MQ G . -1.06 -5.12 -5.64
C6 6MQ G . -2.37 -4.74 -5.39
C7 6MQ G . -3.13 -4.23 -6.45
C8 6MQ G . -5.25 -3.60 -7.23
C9 6MQ G . -3.44 -3.69 -8.84
O1 6MQ G . 3.54 -8.34 -2.27
O2 6MQ G . -3.06 -3.53 -9.99
C10 6MQ G . -2.58 -4.10 -7.73
N 6MQ G . 2.00 -6.67 -5.21
C11 6MQ G . -1.25 -4.44 -7.96
C12 6MQ G . -0.51 -4.96 -6.92
C13 6MQ G . 4.22 -8.59 -4.51
N2 6MQ G . -4.48 -3.95 -6.21
N3 6MQ G . -6.55 -3.36 -7.05
N4 6MQ G . -4.76 -3.48 -8.50
N1 6MQ G . -0.14 -5.79 -4.83
N5 6MQ G . 0.77 -5.50 -6.85
C17 6MQ G . 4.14 -9.98 -3.86
O4 6MQ G . 5.51 -10.38 -3.70
C14 6MQ G . 6.31 -9.54 -4.54
C15 6MQ G . 6.37 -10.13 -5.93
C16 6MQ G . 7.66 -9.34 -3.92
O3 6MQ G . 5.61 -8.30 -4.58
#